data_6VUA
#
_entry.id   6VUA
#
_cell.length_a   114.762
_cell.length_b   114.762
_cell.length_c   97.154
_cell.angle_alpha   90.000
_cell.angle_beta   90.000
_cell.angle_gamma   90.000
#
_symmetry.space_group_name_H-M   'P 41 2 2'
#
loop_
_entity.id
_entity.type
_entity.pdbx_description
1 polymer 'ADP-ribosyl cyclase/cyclic ADP-ribose hydrolase 1'
2 non-polymer '[[(2~{R},3~{S},4~{R},5~{R})-5-(6-aminopurin-9-yl)-3,4-bis(oxidanyl)oxolan-2-yl]methoxy-oxidanyl-phosphoryl] [(2~{R},3~{R},4~{R})-4-chloranyl-3-oxidanyl-oxolan-2-yl]methyl hydrogen phosphate'
3 non-polymer 'POTASSIUM ION'
4 non-polymer 'PHOSPHATE ION'
5 non-polymer DI(HYDROXYETHYL)ETHER
6 non-polymer (4S)-2-METHYL-2,4-PENTANEDIOL
7 non-polymer 'TRIETHYLENE GLYCOL'
8 water water
#
_entity_poly.entity_id   1
_entity_poly.type   'polypeptide(L)'
_entity_poly.pdbx_seq_one_letter_code
;SRWRQQWSGPGTTKRFPETVLARCVKYTEIHPEMRHVDCQSVWDAFKGAFISKHPCDITEEDYQPLMKLGTQTVPCNKIL
LWSRIKDLAHQFTQVQRDMFTLEDTLLGYLADDLTWCGEFATSKINYQSCPDWRKDCSNNPVSVFWKTVSRRFAEAACDV
VHVMLDGSRSKIFDKDSTFGSVEVHNLQPEKVQTLEAWVIHGGREDSRDLCQDPTIKELESIISKRNIQFSCKNIYRPDK
FLQCVKNPEDSSCTSEI
;
_entity_poly.pdbx_strand_id   A,B
#
loop_
_chem_comp.id
_chem_comp.type
_chem_comp.name
_chem_comp.formula
K non-polymer 'POTASSIUM ION' 'K 1'
MPD non-polymer (4S)-2-METHYL-2,4-PENTANEDIOL 'C6 H14 O2'
PEG non-polymer DI(HYDROXYETHYL)ETHER 'C4 H10 O3'
PGE non-polymer 'TRIETHYLENE GLYCOL' 'C6 H14 O4'
PO4 non-polymer 'PHOSPHATE ION' 'O4 P -3'
ROJ non-polymer '[[(2~{R},3~{S},4~{R},5~{R})-5-(6-aminopurin-9-yl)-3,4-bis(oxidanyl)oxolan-2-yl]methoxy-oxidanyl-phosphoryl] [(2~{R},3~{R},4~{R})-4-chloranyl-3-oxidanyl-oxolan-2-yl]methyl hydrogen phosphate' 'C15 H22 Cl N5 O12 P2'
#
# COMPACT_ATOMS: atom_id res chain seq x y z
N TRP A 3 -25.27 -41.69 -7.24
CA TRP A 3 -24.15 -42.68 -7.38
C TRP A 3 -22.95 -42.28 -6.50
N ARG A 4 -22.56 -41.00 -6.51
CA ARG A 4 -21.43 -40.41 -5.71
C ARG A 4 -21.64 -40.73 -4.21
N GLN A 5 -20.82 -41.63 -3.64
CA GLN A 5 -20.95 -42.14 -2.24
C GLN A 5 -19.90 -41.47 -1.34
N GLN A 6 -18.77 -41.06 -1.94
CA GLN A 6 -17.76 -40.23 -1.24
C GLN A 6 -16.90 -39.53 -2.30
N TRP A 7 -15.99 -38.69 -1.86
CA TRP A 7 -14.98 -38.10 -2.76
C TRP A 7 -13.75 -39.00 -2.77
N SER A 8 -12.77 -38.66 -3.59
CA SER A 8 -11.52 -39.44 -3.74
C SER A 8 -10.42 -38.91 -2.81
N GLY A 9 -10.52 -37.68 -2.31
CA GLY A 9 -9.44 -37.10 -1.50
C GLY A 9 -9.68 -37.28 -0.02
N PRO A 10 -8.63 -37.05 0.78
CA PRO A 10 -8.78 -37.02 2.23
C PRO A 10 -9.84 -36.00 2.66
N GLY A 11 -10.47 -36.28 3.81
CA GLY A 11 -11.44 -35.39 4.40
C GLY A 11 -10.82 -34.19 5.07
N THR A 12 -11.67 -33.32 5.57
CA THR A 12 -11.24 -32.08 6.24
C THR A 12 -10.26 -32.45 7.35
N THR A 13 -9.19 -31.68 7.48
CA THR A 13 -8.25 -31.81 8.58
C THR A 13 -8.99 -31.92 9.93
N LYS A 14 -8.68 -32.94 10.71
CA LYS A 14 -9.24 -33.02 12.08
C LYS A 14 -8.88 -31.76 12.85
N ARG A 15 -9.88 -31.20 13.54
CA ARG A 15 -9.76 -29.98 14.36
C ARG A 15 -9.43 -28.79 13.42
N PHE A 16 -9.91 -28.83 12.18
CA PHE A 16 -9.74 -27.67 11.27
C PHE A 16 -10.25 -26.37 11.90
N PRO A 17 -11.44 -26.27 12.53
CA PRO A 17 -11.89 -25.01 13.08
C PRO A 17 -10.93 -24.47 14.12
N GLU A 18 -10.51 -25.32 15.05
CA GLU A 18 -9.56 -24.94 16.11
C GLU A 18 -8.24 -24.48 15.47
N THR A 19 -7.78 -25.19 14.44
CA THR A 19 -6.47 -24.91 13.80
C THR A 19 -6.50 -23.54 13.12
N VAL A 20 -7.57 -23.23 12.38
CA VAL A 20 -7.71 -21.90 11.73
C VAL A 20 -7.74 -20.81 12.78
N LEU A 21 -8.55 -20.97 13.83
CA LEU A 21 -8.68 -19.89 14.85
C LEU A 21 -7.35 -19.72 15.57
N ALA A 22 -6.70 -20.83 15.98
CA ALA A 22 -5.42 -20.76 16.70
C ALA A 22 -4.36 -20.11 15.81
N ARG A 23 -4.30 -20.50 14.53
CA ARG A 23 -3.30 -19.89 13.66
C ARG A 23 -3.53 -18.38 13.53
N CYS A 24 -4.78 -17.95 13.47
CA CYS A 24 -5.11 -16.51 13.35
C CYS A 24 -4.58 -15.81 14.62
N VAL A 25 -4.85 -16.37 15.79
CA VAL A 25 -4.40 -15.75 17.07
C VAL A 25 -2.88 -15.70 17.11
N LYS A 26 -2.20 -16.77 16.75
CA LYS A 26 -0.73 -16.81 16.79
C LYS A 26 -0.18 -15.77 15.81
N TYR A 27 -0.70 -15.75 14.60
CA TYR A 27 -0.17 -14.85 13.55
C TYR A 27 -0.34 -13.41 14.01
N THR A 28 -1.51 -13.04 14.47
CA THR A 28 -1.79 -11.62 14.85
C THR A 28 -0.95 -11.28 16.08
N GLU A 29 -0.56 -12.24 16.94
CA GLU A 29 0.42 -11.96 18.03
C GLU A 29 1.79 -11.59 17.48
N ILE A 30 2.33 -12.36 16.54
CA ILE A 30 3.69 -12.29 15.95
C ILE A 30 3.77 -11.07 15.00
N HIS A 31 2.64 -10.65 14.44
CA HIS A 31 2.56 -9.56 13.43
C HIS A 31 1.68 -8.45 13.92
N PRO A 32 2.19 -7.52 14.75
CA PRO A 32 1.34 -6.48 15.32
C PRO A 32 0.68 -5.62 14.24
N GLU A 33 1.21 -5.64 13.00
CA GLU A 33 0.59 -4.92 11.84
C GLU A 33 -0.76 -5.52 11.43
N MET A 34 -1.12 -6.73 11.87
CA MET A 34 -2.45 -7.36 11.59
C MET A 34 -3.29 -7.40 12.89
N ARG A 35 -2.89 -6.66 13.93
CA ARG A 35 -3.59 -6.76 15.24
C ARG A 35 -5.04 -6.26 15.14
N HIS A 36 -5.43 -5.51 14.13
CA HIS A 36 -6.83 -5.05 13.93
C HIS A 36 -7.77 -6.22 13.65
N VAL A 37 -7.25 -7.38 13.31
CA VAL A 37 -8.15 -8.48 12.87
C VAL A 37 -8.88 -9.08 14.06
N ASP A 38 -10.13 -9.46 13.86
CA ASP A 38 -10.91 -10.24 14.82
C ASP A 38 -10.90 -11.70 14.36
N CYS A 39 -10.20 -12.55 15.07
CA CYS A 39 -9.96 -13.93 14.56
C CYS A 39 -11.25 -14.70 14.46
N GLN A 40 -12.20 -14.55 15.39
CA GLN A 40 -13.49 -15.24 15.26
C GLN A 40 -14.20 -14.82 13.96
N SER A 41 -14.20 -13.53 13.62
CA SER A 41 -14.81 -13.03 12.37
C SER A 41 -14.11 -13.68 11.17
N VAL A 42 -12.80 -13.82 11.24
CA VAL A 42 -12.02 -14.47 10.15
C VAL A 42 -12.48 -15.91 9.99
N TRP A 43 -12.59 -16.65 11.08
CA TRP A 43 -13.09 -18.05 11.03
C TRP A 43 -14.50 -18.07 10.44
N ASP A 44 -15.40 -17.20 10.90
CA ASP A 44 -16.77 -17.26 10.38
C ASP A 44 -16.80 -17.01 8.87
N ALA A 45 -15.97 -16.10 8.38
CA ALA A 45 -15.89 -15.78 6.93
C ALA A 45 -15.33 -17.00 6.18
N PHE A 46 -14.32 -17.65 6.73
CA PHE A 46 -13.70 -18.84 6.12
C PHE A 46 -14.77 -19.92 6.01
N LYS A 47 -15.41 -20.27 7.12
N LYS A 47 -15.37 -20.25 7.14
CA LYS A 47 -16.42 -21.35 7.12
CA LYS A 47 -16.44 -21.27 7.24
C LYS A 47 -17.53 -20.97 6.12
C LYS A 47 -17.52 -20.97 6.20
N GLY A 48 -17.97 -19.72 6.13
CA GLY A 48 -19.03 -19.29 5.21
C GLY A 48 -18.71 -19.45 3.76
N ALA A 49 -17.44 -19.50 3.38
CA ALA A 49 -17.06 -19.68 1.95
C ALA A 49 -17.51 -21.06 1.46
N PHE A 50 -17.54 -22.08 2.31
CA PHE A 50 -17.71 -23.47 1.80
C PHE A 50 -18.79 -24.28 2.50
N ILE A 51 -19.22 -23.88 3.69
CA ILE A 51 -20.27 -24.67 4.39
C ILE A 51 -21.58 -24.58 3.61
N SER A 52 -22.29 -25.70 3.59
CA SER A 52 -23.63 -25.78 2.97
C SER A 52 -23.55 -25.61 1.47
N LYS A 53 -22.36 -25.78 0.87
CA LYS A 53 -22.16 -25.64 -0.59
C LYS A 53 -21.63 -26.96 -1.12
N HIS A 54 -22.09 -27.31 -2.31
CA HIS A 54 -21.53 -28.46 -3.04
C HIS A 54 -20.06 -28.15 -3.30
N PRO A 55 -19.14 -29.05 -2.90
CA PRO A 55 -17.71 -28.70 -2.94
C PRO A 55 -17.07 -28.84 -4.29
N CYS A 56 -17.84 -28.97 -5.38
CA CYS A 56 -17.29 -28.77 -6.73
C CYS A 56 -17.86 -27.51 -7.39
N ASP A 57 -18.56 -26.68 -6.61
CA ASP A 57 -19.24 -25.47 -7.15
C ASP A 57 -18.66 -24.22 -6.52
N ILE A 58 -17.50 -24.30 -5.88
CA ILE A 58 -16.98 -23.14 -5.14
C ILE A 58 -16.43 -22.11 -6.11
N THR A 59 -16.62 -20.83 -5.81
CA THR A 59 -16.14 -19.70 -6.66
C THR A 59 -15.27 -18.73 -5.87
N GLU A 60 -14.52 -17.92 -6.57
CA GLU A 60 -13.70 -16.89 -5.90
C GLU A 60 -14.64 -15.97 -5.11
N GLU A 61 -15.87 -15.72 -5.56
CA GLU A 61 -16.76 -14.80 -4.81
C GLU A 61 -17.07 -15.39 -3.42
N ASP A 62 -17.14 -16.72 -3.30
CA ASP A 62 -17.36 -17.37 -1.99
C ASP A 62 -16.31 -16.89 -0.97
N TYR A 63 -15.08 -16.64 -1.42
CA TYR A 63 -13.99 -16.26 -0.52
C TYR A 63 -13.83 -14.76 -0.37
N GLN A 64 -14.69 -13.97 -0.99
CA GLN A 64 -14.56 -12.50 -0.86
C GLN A 64 -14.69 -12.01 0.57
N PRO A 65 -15.61 -12.49 1.42
CA PRO A 65 -15.67 -12.01 2.81
C PRO A 65 -14.34 -12.25 3.56
N LEU A 66 -13.75 -13.42 3.32
CA LEU A 66 -12.47 -13.79 3.97
C LEU A 66 -11.34 -12.91 3.45
N MET A 67 -11.30 -12.69 2.14
CA MET A 67 -10.24 -11.85 1.52
CA MET A 67 -10.26 -11.85 1.52
C MET A 67 -10.33 -10.46 2.15
N LYS A 68 -11.53 -9.95 2.33
CA LYS A 68 -11.72 -8.58 2.89
CA LYS A 68 -11.68 -8.57 2.87
C LYS A 68 -11.16 -8.55 4.32
N LEU A 69 -11.55 -9.51 5.16
CA LEU A 69 -11.08 -9.49 6.56
C LEU A 69 -9.60 -9.74 6.64
N GLY A 70 -9.05 -10.53 5.73
CA GLY A 70 -7.62 -10.86 5.74
C GLY A 70 -6.80 -9.96 4.85
N THR A 71 -7.32 -8.81 4.42
CA THR A 71 -6.53 -7.82 3.61
C THR A 71 -5.20 -7.55 4.34
N GLN A 72 -4.08 -7.64 3.64
CA GLN A 72 -2.77 -7.39 4.26
C GLN A 72 -1.87 -6.76 3.22
N THR A 73 -1.13 -5.73 3.63
CA THR A 73 -0.18 -5.08 2.74
C THR A 73 1.17 -5.72 3.01
N VAL A 74 1.69 -6.35 1.98
CA VAL A 74 3.02 -6.96 2.07
C VAL A 74 4.02 -6.05 1.35
N PRO A 75 5.18 -5.73 1.97
CA PRO A 75 6.22 -4.98 1.26
C PRO A 75 6.50 -5.58 -0.11
N CYS A 76 6.18 -4.87 -1.20
CA CYS A 76 5.98 -5.52 -2.51
C CYS A 76 7.31 -5.97 -3.11
N ASN A 77 8.43 -5.42 -2.66
CA ASN A 77 9.77 -5.76 -3.13
C ASN A 77 10.39 -6.84 -2.28
N LYS A 78 9.64 -7.54 -1.47
CA LYS A 78 10.17 -8.56 -0.54
C LYS A 78 9.50 -9.92 -0.77
N ILE A 79 9.05 -10.20 -1.98
CA ILE A 79 8.22 -11.40 -2.24
C ILE A 79 9.06 -12.53 -2.83
N LEU A 80 8.85 -13.72 -2.26
CA LEU A 80 9.40 -14.99 -2.81
C LEU A 80 8.25 -15.89 -3.21
N LEU A 81 8.11 -16.14 -4.48
CA LEU A 81 7.16 -17.09 -5.01
C LEU A 81 7.86 -18.45 -5.08
N TRP A 82 7.05 -19.48 -5.25
CA TRP A 82 7.61 -20.85 -5.39
C TRP A 82 6.72 -21.69 -6.27
N SER A 83 7.30 -22.70 -6.91
CA SER A 83 6.57 -23.71 -7.67
C SER A 83 7.13 -25.08 -7.33
N ARG A 84 6.35 -25.88 -6.59
CA ARG A 84 6.68 -27.30 -6.29
C ARG A 84 7.93 -27.41 -5.41
N ILE A 85 8.24 -26.40 -4.61
CA ILE A 85 9.40 -26.46 -3.68
C ILE A 85 9.11 -25.58 -2.44
N LYS A 86 7.88 -25.71 -1.91
CA LYS A 86 7.45 -24.84 -0.79
C LYS A 86 8.33 -24.97 0.45
N ASP A 87 8.79 -26.18 0.81
N ASP A 87 8.79 -26.20 0.75
CA ASP A 87 9.51 -26.29 2.11
CA ASP A 87 9.57 -26.48 1.98
C ASP A 87 10.83 -25.49 2.07
C ASP A 87 10.83 -25.59 2.04
N LEU A 88 11.59 -25.52 0.97
CA LEU A 88 12.84 -24.73 0.97
C LEU A 88 12.52 -23.24 0.97
N ALA A 89 11.45 -22.82 0.29
CA ALA A 89 11.07 -21.39 0.26
C ALA A 89 10.77 -20.94 1.70
N HIS A 90 10.04 -21.77 2.44
CA HIS A 90 9.72 -21.45 3.84
C HIS A 90 11.01 -21.41 4.67
N GLN A 91 11.89 -22.39 4.53
CA GLN A 91 13.16 -22.39 5.27
C GLN A 91 13.91 -21.10 5.00
N PHE A 92 13.86 -20.64 3.74
CA PHE A 92 14.54 -19.41 3.35
C PHE A 92 13.99 -18.22 4.12
N THR A 93 12.67 -18.05 4.16
CA THR A 93 12.10 -16.84 4.82
C THR A 93 12.20 -17.00 6.34
N GLN A 94 12.42 -18.21 6.86
CA GLN A 94 12.70 -18.34 8.31
C GLN A 94 14.06 -17.71 8.63
N VAL A 95 14.99 -17.67 7.70
CA VAL A 95 16.35 -17.12 7.92
CA VAL A 95 16.33 -17.10 7.96
C VAL A 95 16.52 -15.73 7.31
N GLN A 96 15.76 -15.39 6.28
CA GLN A 96 15.73 -14.05 5.67
C GLN A 96 14.37 -13.45 6.06
N ARG A 97 14.28 -12.95 7.29
CA ARG A 97 13.00 -12.72 7.97
C ARG A 97 12.28 -11.46 7.46
N ASP A 98 12.85 -10.69 6.55
CA ASP A 98 12.10 -9.58 5.95
C ASP A 98 11.46 -9.95 4.62
N MET A 99 11.56 -11.21 4.18
N MET A 99 11.58 -11.22 4.20
CA MET A 99 10.93 -11.60 2.90
CA MET A 99 11.02 -11.74 2.92
C MET A 99 9.79 -12.56 3.18
C MET A 99 9.73 -12.52 3.21
N PHE A 100 8.85 -12.62 2.22
CA PHE A 100 7.56 -13.26 2.44
C PHE A 100 7.31 -14.26 1.32
N THR A 101 7.00 -15.51 1.72
CA THR A 101 6.18 -16.35 0.83
C THR A 101 4.70 -16.14 1.12
N LEU A 102 3.82 -16.75 0.35
CA LEU A 102 2.39 -16.63 0.61
C LEU A 102 2.04 -17.17 1.99
N GLU A 103 2.76 -18.18 2.48
CA GLU A 103 2.44 -18.77 3.79
C GLU A 103 2.93 -17.88 4.92
N ASP A 104 3.65 -16.82 4.63
CA ASP A 104 4.07 -15.82 5.64
C ASP A 104 3.07 -14.68 5.77
N THR A 105 1.99 -14.68 4.98
CA THR A 105 0.85 -13.75 5.06
C THR A 105 -0.16 -14.39 6.01
N LEU A 106 -1.08 -13.64 6.57
CA LEU A 106 -2.11 -14.22 7.47
C LEU A 106 -2.86 -15.30 6.71
N LEU A 107 -3.44 -14.98 5.53
CA LEU A 107 -4.34 -15.98 4.93
C LEU A 107 -3.57 -17.26 4.54
N GLY A 108 -2.36 -17.10 3.97
CA GLY A 108 -1.57 -18.31 3.63
C GLY A 108 -1.18 -19.12 4.84
N TYR A 109 -0.86 -18.44 5.92
CA TYR A 109 -0.51 -19.08 7.19
C TYR A 109 -1.70 -19.88 7.73
N LEU A 110 -2.89 -19.31 7.66
CA LEU A 110 -4.08 -20.03 8.14
C LEU A 110 -4.22 -21.40 7.41
N ALA A 111 -4.08 -21.38 6.09
CA ALA A 111 -4.52 -22.51 5.26
C ALA A 111 -3.43 -23.53 5.01
N ASP A 112 -2.17 -23.18 5.24
CA ASP A 112 -1.03 -24.02 4.82
C ASP A 112 -1.22 -25.48 5.23
N ASP A 113 -1.09 -26.39 4.27
CA ASP A 113 -1.11 -27.86 4.44
C ASP A 113 -2.46 -28.37 4.94
N LEU A 114 -3.53 -27.59 4.97
CA LEU A 114 -4.85 -28.08 5.40
C LEU A 114 -5.73 -28.51 4.24
N THR A 115 -6.78 -29.27 4.58
CA THR A 115 -7.83 -29.69 3.67
C THR A 115 -9.17 -29.34 4.31
N TRP A 116 -10.14 -28.94 3.52
CA TRP A 116 -11.48 -28.65 4.07
C TRP A 116 -12.51 -28.75 2.96
N CYS A 117 -13.74 -29.14 3.36
CA CYS A 117 -14.89 -29.06 2.45
C CYS A 117 -16.15 -29.24 3.30
N GLY A 118 -17.27 -28.89 2.66
CA GLY A 118 -18.60 -29.15 3.20
C GLY A 118 -19.43 -29.92 2.22
N GLU A 119 -20.75 -29.78 2.38
CA GLU A 119 -21.72 -30.47 1.50
C GLU A 119 -22.97 -29.60 1.34
N PHE A 120 -23.66 -29.77 0.21
CA PHE A 120 -24.85 -28.94 -0.10
C PHE A 120 -25.95 -29.15 0.95
N ALA A 121 -26.16 -30.40 1.36
CA ALA A 121 -27.36 -30.80 2.15
C ALA A 121 -27.38 -30.13 3.54
N THR A 122 -26.22 -29.86 4.15
CA THR A 122 -26.12 -29.64 5.62
C THR A 122 -25.15 -28.50 5.93
N SER A 123 -25.07 -28.15 7.21
CA SER A 123 -24.13 -27.12 7.71
C SER A 123 -22.88 -27.82 8.27
N LYS A 124 -22.68 -29.09 7.99
CA LYS A 124 -21.57 -29.84 8.63
CA LYS A 124 -21.61 -29.91 8.59
C LYS A 124 -20.34 -29.82 7.74
N ILE A 125 -19.20 -29.75 8.41
CA ILE A 125 -17.91 -29.97 7.73
C ILE A 125 -17.78 -31.46 7.42
N ASN A 126 -17.27 -31.78 6.23
CA ASN A 126 -17.08 -33.17 5.78
C ASN A 126 -15.70 -33.65 6.23
N TYR A 127 -15.60 -34.45 7.29
CA TYR A 127 -14.35 -35.07 7.73
C TYR A 127 -14.09 -36.44 7.08
N GLN A 128 -15.03 -36.98 6.30
CA GLN A 128 -14.87 -38.31 5.71
C GLN A 128 -14.05 -38.23 4.40
N SER A 129 -14.39 -37.29 3.52
CA SER A 129 -13.66 -37.16 2.24
C SER A 129 -13.91 -35.77 1.68
N CYS A 130 -12.98 -35.32 0.83
CA CYS A 130 -13.11 -34.04 0.10
C CYS A 130 -12.66 -34.26 -1.34
N PRO A 131 -13.16 -33.44 -2.28
CA PRO A 131 -12.80 -33.61 -3.67
C PRO A 131 -11.31 -33.47 -3.95
N ASP A 132 -10.73 -34.41 -4.69
N ASP A 132 -10.84 -34.32 -4.85
CA ASP A 132 -9.37 -34.24 -5.27
CA ASP A 132 -9.46 -34.32 -5.37
C ASP A 132 -9.52 -33.45 -6.56
C ASP A 132 -9.40 -33.49 -6.66
N TRP A 133 -8.64 -32.50 -6.74
N TRP A 133 -8.40 -32.64 -6.79
CA TRP A 133 -8.63 -31.56 -7.88
CA TRP A 133 -8.28 -31.65 -7.88
C TRP A 133 -8.67 -32.31 -9.21
C TRP A 133 -8.34 -32.31 -9.27
N ARG A 134 -7.97 -33.45 -9.33
N ARG A 134 -7.79 -33.51 -9.40
CA ARG A 134 -7.85 -34.19 -10.62
CA ARG A 134 -7.80 -34.28 -10.67
C ARG A 134 -8.91 -35.28 -10.69
C ARG A 134 -8.96 -35.26 -10.67
N LYS A 135 -9.06 -36.06 -9.63
CA LYS A 135 -9.95 -37.23 -9.66
C LYS A 135 -11.42 -36.81 -9.60
N ASP A 136 -11.75 -35.69 -9.00
CA ASP A 136 -13.15 -35.33 -8.73
C ASP A 136 -13.54 -33.98 -9.36
N CYS A 137 -12.80 -32.90 -9.12
CA CYS A 137 -13.21 -31.56 -9.64
C CYS A 137 -12.21 -30.49 -9.26
N SER A 138 -11.98 -29.57 -10.21
CA SER A 138 -11.01 -28.48 -9.98
C SER A 138 -11.59 -27.39 -9.05
N ASN A 139 -12.88 -27.10 -9.03
CA ASN A 139 -13.43 -25.92 -8.28
C ASN A 139 -13.82 -26.38 -6.88
N ASN A 140 -12.84 -26.99 -6.20
CA ASN A 140 -13.03 -27.46 -4.83
C ASN A 140 -12.61 -26.40 -3.82
N PRO A 141 -13.07 -26.48 -2.56
CA PRO A 141 -12.82 -25.40 -1.60
C PRO A 141 -11.32 -25.06 -1.48
N VAL A 142 -10.46 -26.06 -1.44
CA VAL A 142 -9.03 -25.79 -1.24
C VAL A 142 -8.42 -25.14 -2.48
N SER A 143 -8.62 -25.75 -3.65
CA SER A 143 -8.04 -25.21 -4.91
C SER A 143 -8.51 -23.78 -5.19
N VAL A 144 -9.81 -23.50 -4.96
CA VAL A 144 -10.35 -22.16 -5.23
C VAL A 144 -9.74 -21.16 -4.26
N PHE A 145 -9.60 -21.51 -2.99
CA PHE A 145 -8.91 -20.64 -2.02
C PHE A 145 -7.54 -20.21 -2.54
N TRP A 146 -6.72 -21.19 -2.90
CA TRP A 146 -5.34 -20.87 -3.26
C TRP A 146 -5.29 -20.05 -4.53
N LYS A 147 -6.17 -20.29 -5.49
CA LYS A 147 -6.12 -19.50 -6.74
CA LYS A 147 -6.04 -19.48 -6.73
C LYS A 147 -6.51 -18.06 -6.40
N THR A 148 -7.49 -17.91 -5.53
CA THR A 148 -7.99 -16.54 -5.15
C THR A 148 -6.89 -15.75 -4.46
N VAL A 149 -6.31 -16.34 -3.43
CA VAL A 149 -5.34 -15.59 -2.60
CA VAL A 149 -5.31 -15.66 -2.57
C VAL A 149 -4.01 -15.46 -3.36
N SER A 150 -3.61 -16.44 -4.17
CA SER A 150 -2.29 -16.30 -4.80
C SER A 150 -2.35 -15.32 -5.96
N ARG A 151 -3.50 -15.16 -6.61
CA ARG A 151 -3.60 -14.13 -7.67
C ARG A 151 -3.38 -12.78 -7.03
N ARG A 152 -3.94 -12.51 -5.85
CA ARG A 152 -3.78 -11.18 -5.18
C ARG A 152 -2.32 -10.97 -4.77
N PHE A 153 -1.65 -12.01 -4.31
CA PHE A 153 -0.25 -11.96 -3.84
C PHE A 153 0.62 -11.62 -5.07
N ALA A 154 0.43 -12.33 -6.18
CA ALA A 154 1.23 -12.07 -7.39
C ALA A 154 0.96 -10.66 -7.92
N GLU A 155 -0.29 -10.21 -7.92
CA GLU A 155 -0.69 -8.87 -8.40
CA GLU A 155 -0.65 -8.87 -8.45
C GLU A 155 0.04 -7.79 -7.60
N ALA A 156 0.25 -8.04 -6.32
CA ALA A 156 0.80 -7.01 -5.43
C ALA A 156 2.31 -6.94 -5.59
N ALA A 157 3.01 -7.93 -6.13
CA ALA A 157 4.47 -7.94 -6.12
C ALA A 157 5.05 -6.85 -7.05
N CYS A 158 6.21 -6.33 -6.66
CA CYS A 158 6.89 -5.22 -7.41
C CYS A 158 8.39 -5.40 -7.42
N ASP A 159 9.04 -4.55 -8.23
CA ASP A 159 10.51 -4.38 -8.29
C ASP A 159 11.09 -5.75 -8.69
N VAL A 160 12.00 -6.29 -7.92
CA VAL A 160 12.56 -7.62 -8.23
C VAL A 160 11.75 -8.64 -7.42
N VAL A 161 11.15 -9.57 -8.15
CA VAL A 161 10.37 -10.69 -7.57
C VAL A 161 11.24 -11.92 -7.72
N HIS A 162 11.32 -12.77 -6.71
CA HIS A 162 12.14 -14.00 -6.80
C HIS A 162 11.17 -15.18 -6.88
N VAL A 163 11.61 -16.26 -7.47
CA VAL A 163 10.83 -17.52 -7.48
C VAL A 163 11.80 -18.66 -7.30
N MET A 164 11.49 -19.56 -6.38
CA MET A 164 12.22 -20.83 -6.23
CA MET A 164 12.26 -20.83 -6.27
C MET A 164 11.58 -21.92 -7.10
N LEU A 165 12.39 -22.66 -7.83
CA LEU A 165 11.92 -23.79 -8.68
C LEU A 165 12.71 -25.03 -8.32
N ASP A 166 12.09 -26.19 -8.52
CA ASP A 166 12.70 -27.49 -8.22
C ASP A 166 13.44 -27.95 -9.49
N GLY A 167 14.77 -27.88 -9.43
CA GLY A 167 15.63 -28.27 -10.57
C GLY A 167 15.68 -29.79 -10.74
N SER A 168 15.03 -30.58 -9.90
CA SER A 168 15.02 -32.06 -10.03
C SER A 168 13.80 -32.53 -10.82
N ARG A 169 12.81 -31.69 -11.07
CA ARG A 169 11.59 -32.12 -11.76
C ARG A 169 11.80 -32.13 -13.27
N SER A 170 11.05 -32.95 -13.98
CA SER A 170 11.16 -33.05 -15.46
C SER A 170 10.86 -31.72 -16.12
N LYS A 171 9.90 -31.00 -15.59
CA LYS A 171 9.59 -29.59 -15.99
C LYS A 171 9.96 -28.72 -14.80
N ILE A 172 11.15 -28.14 -14.85
CA ILE A 172 11.61 -27.26 -13.75
C ILE A 172 10.62 -26.10 -13.63
N PHE A 173 10.22 -25.56 -14.76
CA PHE A 173 9.08 -24.65 -14.88
C PHE A 173 8.02 -25.38 -15.69
N ASP A 174 6.85 -25.59 -15.06
CA ASP A 174 5.68 -26.21 -15.71
C ASP A 174 4.70 -25.09 -16.03
N LYS A 175 4.56 -24.72 -17.30
CA LYS A 175 3.72 -23.60 -17.71
C LYS A 175 2.24 -23.80 -17.31
N ASP A 176 1.81 -25.01 -17.06
CA ASP A 176 0.39 -25.28 -16.70
C ASP A 176 0.24 -25.49 -15.20
N SER A 177 1.31 -25.39 -14.44
CA SER A 177 1.21 -25.46 -12.96
C SER A 177 0.40 -24.27 -12.48
N THR A 178 0.04 -24.25 -11.20
CA THR A 178 -0.62 -23.09 -10.62
C THR A 178 0.33 -21.89 -10.67
N PHE A 179 1.62 -22.10 -10.45
CA PHE A 179 2.59 -20.99 -10.57
C PHE A 179 2.58 -20.46 -12.01
N GLY A 180 2.67 -21.35 -12.97
CA GLY A 180 2.75 -20.94 -14.38
C GLY A 180 1.50 -20.31 -14.92
N SER A 181 0.34 -20.65 -14.40
CA SER A 181 -0.96 -20.05 -14.85
C SER A 181 -1.25 -18.81 -14.01
N VAL A 182 -1.67 -19.03 -12.79
CA VAL A 182 -2.17 -17.93 -11.94
C VAL A 182 -1.04 -16.95 -11.65
N GLU A 183 0.12 -17.39 -11.15
CA GLU A 183 1.05 -16.40 -10.59
C GLU A 183 1.77 -15.66 -11.71
N VAL A 184 2.35 -16.37 -12.69
CA VAL A 184 3.16 -15.69 -13.73
C VAL A 184 2.30 -14.62 -14.45
N HIS A 185 1.08 -14.97 -14.80
CA HIS A 185 0.26 -14.06 -15.65
C HIS A 185 -0.37 -12.97 -14.80
N ASN A 186 -0.16 -12.95 -13.48
CA ASN A 186 -0.60 -11.81 -12.65
C ASN A 186 0.59 -10.98 -12.21
N LEU A 187 1.80 -11.22 -12.70
CA LEU A 187 2.91 -10.26 -12.50
C LEU A 187 2.69 -9.05 -13.42
N GLN A 188 2.60 -7.87 -12.83
CA GLN A 188 2.16 -6.69 -13.60
C GLN A 188 3.40 -5.94 -14.06
N PRO A 189 3.56 -5.64 -15.36
CA PRO A 189 4.77 -4.95 -15.78
C PRO A 189 4.92 -3.51 -15.28
N GLU A 190 3.84 -2.87 -14.90
CA GLU A 190 3.92 -1.48 -14.38
C GLU A 190 4.59 -1.50 -13.00
N LYS A 191 4.63 -2.64 -12.31
N LYS A 191 4.60 -2.67 -12.35
CA LYS A 191 5.14 -2.74 -10.92
CA LYS A 191 5.01 -2.84 -10.93
C LYS A 191 6.45 -3.54 -10.91
C LYS A 191 6.36 -3.57 -10.88
N VAL A 192 6.51 -4.61 -11.70
CA VAL A 192 7.63 -5.59 -11.64
C VAL A 192 8.67 -5.26 -12.68
N GLN A 193 9.89 -5.13 -12.23
CA GLN A 193 11.08 -4.86 -13.06
C GLN A 193 11.63 -6.21 -13.56
N THR A 194 11.84 -7.14 -12.63
CA THR A 194 12.57 -8.40 -12.90
C THR A 194 11.90 -9.55 -12.15
N LEU A 195 11.82 -10.71 -12.80
CA LEU A 195 11.61 -11.98 -12.08
C LEU A 195 12.94 -12.73 -12.09
N GLU A 196 13.44 -13.06 -10.92
CA GLU A 196 14.69 -13.83 -10.80
C GLU A 196 14.36 -15.21 -10.29
N ALA A 197 14.69 -16.24 -11.06
CA ALA A 197 14.44 -17.64 -10.70
C ALA A 197 15.67 -18.21 -9.99
N TRP A 198 15.43 -18.89 -8.89
CA TRP A 198 16.45 -19.66 -8.17
C TRP A 198 16.13 -21.12 -8.42
N VAL A 199 16.98 -21.77 -9.19
CA VAL A 199 16.73 -23.16 -9.62
C VAL A 199 17.50 -24.06 -8.64
N ILE A 200 16.75 -24.78 -7.82
CA ILE A 200 17.33 -25.55 -6.69
C ILE A 200 17.77 -26.89 -7.26
N HIS A 201 19.06 -27.17 -7.17
CA HIS A 201 19.55 -28.53 -7.55
C HIS A 201 19.13 -29.57 -6.52
N GLY A 202 18.87 -30.79 -7.01
CA GLY A 202 18.25 -31.85 -6.19
C GLY A 202 19.28 -32.76 -5.58
N GLY A 203 20.38 -32.94 -6.34
N GLY A 203 20.54 -32.56 -5.92
CA GLY A 203 21.47 -33.90 -6.08
CA GLY A 203 21.62 -33.21 -5.20
C GLY A 203 21.65 -34.94 -7.20
C GLY A 203 22.91 -32.76 -5.81
N ARG A 204 20.99 -34.78 -8.35
N ARG A 204 24.02 -32.98 -5.12
CA ARG A 204 21.17 -35.68 -9.54
CA ARG A 204 25.36 -32.63 -5.61
C ARG A 204 21.32 -34.86 -10.82
C ARG A 204 25.63 -33.50 -6.85
N GLU A 205 21.63 -33.56 -10.72
N GLU A 205 24.74 -34.47 -7.16
CA GLU A 205 21.75 -32.67 -11.90
CA GLU A 205 24.87 -35.40 -8.32
C GLU A 205 23.23 -32.44 -12.28
C GLU A 205 24.57 -34.65 -9.63
N ASP A 206 24.18 -33.08 -11.60
N ASP A 206 23.98 -33.45 -9.57
CA ASP A 206 25.62 -33.08 -11.94
CA ASP A 206 23.68 -32.62 -10.78
C ASP A 206 26.16 -31.67 -12.21
C ASP A 206 24.33 -31.24 -10.65
N SER A 207 25.83 -30.69 -11.40
N SER A 207 25.31 -31.01 -11.55
CA SER A 207 26.26 -29.29 -11.56
CA SER A 207 26.22 -29.83 -11.64
C SER A 207 25.99 -28.80 -13.00
C SER A 207 26.03 -29.02 -12.94
N ARG A 208 25.03 -29.38 -13.74
CA ARG A 208 24.66 -28.81 -15.06
C ARG A 208 24.05 -27.42 -14.82
N ASP A 209 24.18 -26.55 -15.82
CA ASP A 209 23.61 -25.20 -15.79
C ASP A 209 22.13 -25.35 -16.09
N LEU A 210 21.30 -25.42 -15.07
CA LEU A 210 19.84 -25.62 -15.32
C LEU A 210 19.17 -24.34 -15.78
N CYS A 211 19.87 -23.20 -15.80
CA CYS A 211 19.31 -21.94 -16.33
C CYS A 211 19.20 -22.04 -17.85
N GLN A 212 19.84 -23.07 -18.46
CA GLN A 212 19.72 -23.31 -19.89
C GLN A 212 18.67 -24.36 -20.22
N ASP A 213 17.97 -24.87 -19.21
CA ASP A 213 16.95 -25.90 -19.45
C ASP A 213 15.87 -25.36 -20.37
N PRO A 214 15.32 -26.19 -21.26
CA PRO A 214 14.23 -25.75 -22.12
C PRO A 214 13.04 -25.08 -21.44
N THR A 215 12.64 -25.59 -20.26
CA THR A 215 11.48 -24.95 -19.59
C THR A 215 11.87 -23.65 -18.94
N ILE A 216 13.14 -23.43 -18.62
CA ILE A 216 13.55 -22.10 -18.13
C ILE A 216 13.57 -21.15 -19.31
N LYS A 217 13.98 -21.60 -20.49
CA LYS A 217 13.92 -20.72 -21.70
C LYS A 217 12.45 -20.37 -21.98
N GLU A 218 11.52 -21.28 -21.71
CA GLU A 218 10.06 -21.01 -21.87
CA GLU A 218 10.09 -20.99 -21.90
C GLU A 218 9.66 -19.91 -20.90
N LEU A 219 10.05 -20.02 -19.64
CA LEU A 219 9.68 -19.02 -18.62
C LEU A 219 10.24 -17.67 -19.03
N GLU A 220 11.49 -17.63 -19.45
CA GLU A 220 12.14 -16.37 -19.89
C GLU A 220 11.32 -15.72 -21.00
N SER A 221 10.88 -16.50 -21.95
CA SER A 221 10.07 -16.00 -23.10
CA SER A 221 10.06 -16.03 -23.10
C SER A 221 8.72 -15.45 -22.62
N ILE A 222 8.02 -16.17 -21.76
CA ILE A 222 6.72 -15.69 -21.20
C ILE A 222 6.92 -14.39 -20.44
N ILE A 223 7.98 -14.30 -19.62
CA ILE A 223 8.26 -13.11 -18.78
C ILE A 223 8.62 -11.94 -19.69
N SER A 224 9.49 -12.20 -20.66
CA SER A 224 9.92 -11.18 -21.65
CA SER A 224 9.92 -11.15 -21.62
C SER A 224 8.69 -10.59 -22.36
N LYS A 225 7.73 -11.43 -22.74
CA LYS A 225 6.48 -11.00 -23.42
C LYS A 225 5.58 -10.17 -22.50
N ARG A 226 5.72 -10.25 -21.17
CA ARG A 226 4.97 -9.42 -20.20
C ARG A 226 5.77 -8.15 -19.90
N ASN A 227 6.81 -7.89 -20.70
CA ASN A 227 7.66 -6.70 -20.54
CA ASN A 227 7.70 -6.73 -20.53
C ASN A 227 8.26 -6.68 -19.10
N ILE A 228 8.78 -7.82 -18.66
CA ILE A 228 9.48 -7.96 -17.36
C ILE A 228 10.82 -8.58 -17.70
N GLN A 229 11.89 -8.19 -17.06
CA GLN A 229 13.24 -8.76 -17.26
C GLN A 229 13.31 -10.10 -16.52
N PHE A 230 14.10 -11.01 -17.05
CA PHE A 230 14.28 -12.34 -16.46
C PHE A 230 15.73 -12.56 -16.09
N SER A 231 15.97 -13.12 -14.91
CA SER A 231 17.28 -13.51 -14.39
C SER A 231 17.14 -14.94 -13.87
N CYS A 232 18.20 -15.73 -13.95
CA CYS A 232 18.18 -17.10 -13.45
C CYS A 232 19.50 -17.39 -12.76
N LYS A 233 19.41 -18.04 -11.62
CA LYS A 233 20.57 -18.47 -10.84
C LYS A 233 20.42 -19.93 -10.41
N ASN A 234 21.48 -20.71 -10.55
CA ASN A 234 21.52 -22.07 -10.03
C ASN A 234 21.84 -22.02 -8.55
N ILE A 235 21.10 -22.75 -7.75
CA ILE A 235 21.45 -23.02 -6.32
CA ILE A 235 21.50 -23.00 -6.33
C ILE A 235 21.94 -24.47 -6.27
N TYR A 236 23.25 -24.63 -6.39
CA TYR A 236 23.85 -25.97 -6.46
C TYR A 236 23.72 -26.72 -5.13
N ARG A 237 23.83 -26.02 -4.01
CA ARG A 237 23.88 -26.64 -2.66
C ARG A 237 22.91 -25.91 -1.73
N PRO A 238 21.63 -26.30 -1.74
CA PRO A 238 20.61 -25.58 -0.97
C PRO A 238 20.91 -25.54 0.55
N ASP A 239 21.55 -26.56 1.10
CA ASP A 239 21.98 -26.54 2.54
C ASP A 239 22.96 -25.37 2.79
N LYS A 240 24.01 -25.26 1.98
CA LYS A 240 25.02 -24.20 2.18
C LYS A 240 24.41 -22.84 1.89
N PHE A 241 23.48 -22.77 0.95
CA PHE A 241 22.79 -21.51 0.62
C PHE A 241 22.06 -20.95 1.86
N LEU A 242 21.33 -21.77 2.54
CA LEU A 242 20.61 -21.32 3.77
C LEU A 242 21.60 -20.90 4.85
N GLN A 243 22.72 -21.62 4.99
CA GLN A 243 23.74 -21.32 6.02
C GLN A 243 24.29 -19.93 5.74
N CYS A 244 24.45 -19.57 4.46
CA CYS A 244 25.05 -18.30 4.06
C CYS A 244 24.05 -17.16 4.15
N VAL A 245 22.76 -17.48 3.96
CA VAL A 245 21.71 -16.45 4.14
C VAL A 245 21.71 -16.06 5.63
N LYS A 246 21.81 -17.04 6.52
CA LYS A 246 21.86 -16.85 7.99
C LYS A 246 23.12 -16.06 8.38
N ASN A 247 24.30 -16.49 7.91
CA ASN A 247 25.58 -15.80 8.25
CA ASN A 247 25.62 -15.90 8.26
C ASN A 247 26.36 -15.48 6.98
N PRO A 248 26.10 -14.30 6.40
CA PRO A 248 26.72 -13.94 5.11
C PRO A 248 28.26 -13.86 5.08
N GLU A 249 28.94 -13.88 6.24
CA GLU A 249 30.42 -13.78 6.32
C GLU A 249 31.07 -15.16 6.49
N ASP A 250 30.31 -16.23 6.69
CA ASP A 250 30.83 -17.63 6.77
C ASP A 250 31.72 -17.87 5.53
N SER A 251 32.87 -18.51 5.74
CA SER A 251 33.93 -18.68 4.71
C SER A 251 33.49 -19.70 3.66
N SER A 252 32.44 -20.50 3.91
CA SER A 252 31.83 -21.42 2.91
C SER A 252 30.97 -20.66 1.90
N CYS A 253 30.70 -19.38 2.12
CA CYS A 253 29.73 -18.64 1.26
C CYS A 253 30.35 -18.36 -0.09
N THR A 254 29.55 -18.55 -1.14
CA THR A 254 29.79 -17.96 -2.47
C THR A 254 29.06 -16.61 -2.52
N SER A 255 29.21 -15.85 -3.59
CA SER A 255 28.42 -14.63 -3.91
C SER A 255 27.78 -14.83 -5.30
N GLU A 256 27.22 -16.02 -5.56
CA GLU A 256 26.65 -16.38 -6.89
C GLU A 256 25.24 -15.81 -7.02
N ILE A 257 24.59 -15.63 -5.86
CA ILE A 257 23.17 -15.20 -5.70
C ILE A 257 23.20 -13.79 -5.11
N TRP B 3 13.55 41.65 -19.09
CA TRP B 3 12.38 41.31 -20.00
C TRP B 3 11.14 40.97 -19.18
N ARG B 4 11.31 40.17 -18.11
CA ARG B 4 10.24 39.65 -17.19
C ARG B 4 9.65 40.83 -16.39
N GLN B 5 8.50 41.35 -16.82
CA GLN B 5 7.77 42.52 -16.21
C GLN B 5 6.62 42.04 -15.29
N GLN B 6 6.15 40.81 -15.49
CA GLN B 6 5.03 40.27 -14.70
C GLN B 6 5.18 38.75 -14.61
N TRP B 7 4.55 38.18 -13.62
CA TRP B 7 4.31 36.74 -13.53
C TRP B 7 2.98 36.37 -14.19
N SER B 8 2.73 35.09 -14.32
CA SER B 8 1.50 34.60 -14.96
C SER B 8 0.37 34.40 -13.94
N GLY B 9 0.66 34.31 -12.64
CA GLY B 9 -0.39 34.01 -11.66
C GLY B 9 -1.00 35.26 -11.06
N PRO B 10 -2.14 35.14 -10.38
CA PRO B 10 -2.67 36.29 -9.64
C PRO B 10 -1.69 36.83 -8.60
N GLY B 11 -1.84 38.12 -8.32
CA GLY B 11 -1.00 38.76 -7.32
C GLY B 11 -1.45 38.39 -5.90
N THR B 12 -0.69 38.96 -4.95
CA THR B 12 -0.93 38.68 -3.52
C THR B 12 -2.38 39.03 -3.23
N THR B 13 -2.99 38.21 -2.37
CA THR B 13 -4.33 38.49 -1.87
C THR B 13 -4.43 39.89 -1.30
N LYS B 14 -5.41 40.67 -1.72
CA LYS B 14 -5.48 42.04 -1.14
CA LYS B 14 -5.64 42.00 -1.16
C LYS B 14 -5.81 41.89 0.36
N ARG B 15 -5.15 42.76 1.14
CA ARG B 15 -5.24 42.73 2.62
C ARG B 15 -4.62 41.42 3.16
N PHE B 16 -3.60 40.88 2.46
CA PHE B 16 -2.86 39.71 2.95
C PHE B 16 -2.30 39.94 4.36
N PRO B 17 -1.64 41.08 4.63
CA PRO B 17 -1.06 41.26 5.98
C PRO B 17 -2.13 41.24 7.07
N GLU B 18 -3.22 41.98 6.84
CA GLU B 18 -4.32 42.03 7.80
C GLU B 18 -4.93 40.66 7.99
N THR B 19 -5.05 39.89 6.88
CA THR B 19 -5.68 38.57 6.94
C THR B 19 -4.85 37.59 7.79
N VAL B 20 -3.55 37.56 7.54
CA VAL B 20 -2.65 36.68 8.32
C VAL B 20 -2.70 37.08 9.78
N LEU B 21 -2.58 38.37 10.09
CA LEU B 21 -2.59 38.78 11.53
C LEU B 21 -3.92 38.40 12.15
N ALA B 22 -5.04 38.76 11.54
CA ALA B 22 -6.39 38.52 12.06
C ALA B 22 -6.60 37.01 12.24
N ARG B 23 -6.18 36.20 11.28
CA ARG B 23 -6.31 34.72 11.40
C ARG B 23 -5.53 34.23 12.62
N CYS B 24 -4.33 34.75 12.79
CA CYS B 24 -3.49 34.33 13.94
C CYS B 24 -4.22 34.70 15.23
N VAL B 25 -4.72 35.92 15.32
CA VAL B 25 -5.44 36.36 16.54
C VAL B 25 -6.64 35.46 16.78
N LYS B 26 -7.48 35.22 15.78
CA LYS B 26 -8.70 34.38 15.93
CA LYS B 26 -8.68 34.39 15.97
C LYS B 26 -8.31 32.97 16.36
N TYR B 27 -7.29 32.42 15.73
CA TYR B 27 -6.87 31.04 16.01
C TYR B 27 -6.44 30.91 17.48
N THR B 28 -5.55 31.79 17.91
CA THR B 28 -4.84 31.69 19.21
C THR B 28 -5.83 32.05 20.32
N GLU B 29 -6.91 32.77 20.00
CA GLU B 29 -7.93 33.15 20.99
C GLU B 29 -8.88 31.94 21.15
N ILE B 30 -9.14 31.13 20.10
CA ILE B 30 -10.01 29.92 20.08
C ILE B 30 -9.25 28.69 20.64
N HIS B 31 -7.93 28.63 20.49
CA HIS B 31 -7.10 27.43 20.83
C HIS B 31 -6.16 27.83 21.94
N PRO B 32 -6.53 27.59 23.22
CA PRO B 32 -5.79 28.13 24.36
C PRO B 32 -4.37 27.59 24.48
N GLU B 33 -4.12 26.38 23.96
CA GLU B 33 -2.76 25.78 23.95
C GLU B 33 -1.82 26.54 23.02
N MET B 34 -2.33 27.43 22.15
CA MET B 34 -1.46 28.19 21.23
C MET B 34 -1.44 29.67 21.68
N ARG B 35 -1.86 29.97 22.92
CA ARG B 35 -1.99 31.40 23.38
C ARG B 35 -0.63 31.99 23.72
N HIS B 36 0.41 31.18 23.82
CA HIS B 36 1.81 31.67 23.95
C HIS B 36 2.25 32.41 22.69
N VAL B 37 1.59 32.21 21.54
CA VAL B 37 2.05 32.78 20.24
C VAL B 37 1.87 34.31 20.24
N ASP B 38 2.91 35.02 19.82
CA ASP B 38 2.87 36.49 19.56
C ASP B 38 2.50 36.62 18.07
N CYS B 39 1.30 37.04 17.77
CA CYS B 39 0.83 37.07 16.36
C CYS B 39 1.59 38.06 15.51
N GLN B 40 1.99 39.22 16.08
CA GLN B 40 2.84 40.15 15.31
C GLN B 40 4.15 39.45 14.94
N SER B 41 4.77 38.69 15.84
CA SER B 41 6.04 37.97 15.55
C SER B 41 5.84 36.94 14.43
N VAL B 42 4.69 36.29 14.47
CA VAL B 42 4.30 35.29 13.42
C VAL B 42 4.24 36.02 12.06
N TRP B 43 3.57 37.16 12.00
CA TRP B 43 3.54 37.93 10.74
C TRP B 43 4.95 38.35 10.33
N ASP B 44 5.80 38.88 11.24
CA ASP B 44 7.17 39.27 10.80
C ASP B 44 7.93 38.07 10.23
N ALA B 45 7.78 36.90 10.83
CA ALA B 45 8.46 35.64 10.40
C ALA B 45 7.93 35.21 9.01
N PHE B 46 6.63 35.37 8.78
CA PHE B 46 5.95 34.97 7.50
C PHE B 46 6.47 35.90 6.40
N LYS B 47 6.36 37.20 6.65
CA LYS B 47 6.80 38.23 5.68
C LYS B 47 8.30 38.00 5.41
N GLY B 48 9.05 37.70 6.47
CA GLY B 48 10.51 37.52 6.37
C GLY B 48 10.91 36.38 5.46
N ALA B 49 10.05 35.37 5.30
CA ALA B 49 10.33 34.23 4.41
C ALA B 49 10.44 34.66 2.93
N PHE B 50 9.67 35.64 2.47
CA PHE B 50 9.54 35.86 1.02
C PHE B 50 9.77 37.31 0.61
N ILE B 51 9.63 38.29 1.51
CA ILE B 51 9.87 39.71 1.18
C ILE B 51 11.36 39.88 0.85
N SER B 52 11.63 40.59 -0.23
CA SER B 52 13.00 40.84 -0.74
C SER B 52 13.66 39.63 -1.37
N LYS B 53 12.95 38.52 -1.60
CA LYS B 53 13.51 37.33 -2.20
C LYS B 53 12.97 37.23 -3.62
N HIS B 54 13.78 36.65 -4.45
CA HIS B 54 13.34 36.30 -5.81
C HIS B 54 12.24 35.25 -5.68
N PRO B 55 11.03 35.49 -6.19
CA PRO B 55 9.99 34.55 -5.86
C PRO B 55 10.00 33.28 -6.68
N CYS B 56 11.06 32.98 -7.42
CA CYS B 56 11.30 31.62 -7.95
C CYS B 56 12.47 30.92 -7.28
N ASP B 57 12.95 31.46 -6.17
CA ASP B 57 14.13 30.93 -5.42
C ASP B 57 13.81 30.71 -3.97
N ILE B 58 12.56 30.53 -3.58
CA ILE B 58 12.24 30.35 -2.15
C ILE B 58 12.71 28.96 -1.72
N THR B 59 13.20 28.84 -0.48
CA THR B 59 13.66 27.56 0.08
C THR B 59 12.91 27.22 1.36
N GLU B 60 12.90 25.95 1.77
CA GLU B 60 12.32 25.49 3.06
C GLU B 60 13.00 26.26 4.19
N GLU B 61 14.29 26.60 4.05
CA GLU B 61 15.07 27.35 5.06
C GLU B 61 14.39 28.71 5.31
N ASP B 62 13.89 29.36 4.24
CA ASP B 62 13.26 30.70 4.35
C ASP B 62 12.09 30.66 5.35
N TYR B 63 11.38 29.53 5.44
CA TYR B 63 10.21 29.36 6.30
C TYR B 63 10.54 28.83 7.69
N GLN B 64 11.80 28.53 8.03
CA GLN B 64 12.08 27.89 9.33
CA GLN B 64 12.19 27.94 9.34
C GLN B 64 11.70 28.77 10.52
N PRO B 65 11.97 30.09 10.53
CA PRO B 65 11.51 30.96 11.62
C PRO B 65 10.00 30.86 11.85
N LEU B 66 9.23 30.90 10.75
CA LEU B 66 7.77 30.74 10.89
C LEU B 66 7.45 29.37 11.46
N MET B 67 8.09 28.29 10.99
CA MET B 67 7.80 26.92 11.49
CA MET B 67 7.79 26.93 11.49
C MET B 67 8.08 26.88 13.00
N LYS B 68 9.11 27.57 13.43
CA LYS B 68 9.51 27.59 14.87
C LYS B 68 8.38 28.22 15.66
N LEU B 69 7.89 29.38 15.22
CA LEU B 69 6.88 30.12 16.00
C LEU B 69 5.58 29.33 15.92
N GLY B 70 5.30 28.64 14.82
CA GLY B 70 4.03 27.89 14.65
C GLY B 70 4.07 26.46 15.12
N THR B 71 5.14 26.02 15.82
CA THR B 71 5.26 24.67 16.44
C THR B 71 3.97 24.37 17.19
N GLN B 72 3.39 23.21 16.94
CA GLN B 72 2.08 22.79 17.49
C GLN B 72 2.06 21.26 17.66
N THR B 73 1.59 20.77 18.80
CA THR B 73 1.32 19.33 19.07
C THR B 73 -0.17 19.15 18.80
N VAL B 74 -0.51 18.32 17.83
CA VAL B 74 -1.91 18.04 17.42
C VAL B 74 -2.11 16.55 17.67
N PRO B 75 -3.34 16.05 17.88
CA PRO B 75 -3.53 14.63 18.11
C PRO B 75 -3.13 13.85 16.85
N CYS B 76 -1.99 13.18 16.91
CA CYS B 76 -1.31 12.56 15.74
C CYS B 76 -2.19 11.43 15.16
N ASN B 77 -3.12 10.86 15.93
CA ASN B 77 -3.98 9.73 15.50
C ASN B 77 -5.31 10.18 14.92
N LYS B 78 -5.55 11.49 14.71
CA LYS B 78 -6.87 11.99 14.24
C LYS B 78 -6.68 12.81 12.95
N ILE B 79 -5.69 12.45 12.15
CA ILE B 79 -5.34 13.30 10.96
C ILE B 79 -6.10 12.80 9.74
N LEU B 80 -6.69 13.74 9.00
CA LEU B 80 -7.25 13.55 7.64
C LEU B 80 -6.38 14.31 6.66
N LEU B 81 -5.66 13.59 5.81
CA LEU B 81 -4.93 14.14 4.65
C LEU B 81 -5.90 14.22 3.48
N TRP B 82 -5.52 14.95 2.44
CA TRP B 82 -6.39 15.03 1.26
C TRP B 82 -5.54 15.27 0.05
N SER B 83 -6.04 14.88 -1.11
CA SER B 83 -5.43 15.16 -2.41
C SER B 83 -6.52 15.60 -3.36
N ARG B 84 -6.51 16.89 -3.71
CA ARG B 84 -7.39 17.45 -4.73
C ARG B 84 -8.87 17.33 -4.33
N ILE B 85 -9.18 17.37 -3.05
CA ILE B 85 -10.57 17.31 -2.55
C ILE B 85 -10.65 18.02 -1.19
N LYS B 86 -9.95 19.18 -1.07
CA LYS B 86 -9.89 19.96 0.18
C LYS B 86 -11.30 20.28 0.69
N ASP B 87 -12.21 20.67 -0.19
N ASP B 87 -12.17 20.67 -0.22
CA ASP B 87 -13.50 21.23 0.26
CA ASP B 87 -13.54 21.15 0.10
C ASP B 87 -14.35 20.12 0.92
C ASP B 87 -14.23 20.09 0.96
N LEU B 88 -14.36 18.89 0.41
CA LEU B 88 -15.13 17.82 1.08
C LEU B 88 -14.41 17.40 2.36
N ALA B 89 -13.07 17.41 2.41
CA ALA B 89 -12.32 17.06 3.63
C ALA B 89 -12.63 18.06 4.74
N HIS B 90 -12.66 19.36 4.42
CA HIS B 90 -13.07 20.42 5.39
C HIS B 90 -14.51 20.21 5.83
N GLN B 91 -15.43 19.91 4.92
CA GLN B 91 -16.86 19.69 5.30
C GLN B 91 -16.96 18.51 6.26
N PHE B 92 -16.13 17.48 6.06
CA PHE B 92 -16.15 16.27 6.91
C PHE B 92 -15.69 16.64 8.32
N THR B 93 -14.62 17.43 8.47
CA THR B 93 -14.06 17.72 9.80
C THR B 93 -14.95 18.72 10.53
N GLN B 94 -15.77 19.46 9.80
CA GLN B 94 -16.75 20.40 10.43
C GLN B 94 -17.72 19.53 11.22
N VAL B 95 -18.11 18.38 10.66
CA VAL B 95 -19.14 17.45 11.19
C VAL B 95 -18.49 16.48 12.19
N GLN B 96 -17.42 15.80 11.79
CA GLN B 96 -16.61 14.91 12.65
C GLN B 96 -15.52 15.75 13.34
N ARG B 97 -15.90 16.57 14.33
CA ARG B 97 -15.04 17.65 14.90
C ARG B 97 -13.84 17.08 15.66
N ASP B 98 -13.77 15.76 15.77
CA ASP B 98 -12.68 14.92 16.32
C ASP B 98 -11.42 14.89 15.42
N MET B 99 -11.64 14.79 14.12
CA MET B 99 -10.56 14.64 13.10
C MET B 99 -10.26 16.01 12.52
N PHE B 100 -9.06 16.19 11.97
CA PHE B 100 -8.71 17.49 11.36
C PHE B 100 -7.68 17.36 10.25
N THR B 101 -7.67 18.43 9.46
CA THR B 101 -6.79 18.59 8.30
C THR B 101 -5.70 19.59 8.63
N LEU B 102 -4.78 19.76 7.69
CA LEU B 102 -3.68 20.73 7.84
C LEU B 102 -4.27 22.14 8.04
N GLU B 103 -5.41 22.43 7.47
CA GLU B 103 -6.00 23.80 7.59
C GLU B 103 -6.57 24.03 8.99
N ASP B 104 -6.55 23.03 9.86
CA ASP B 104 -7.02 23.12 11.26
C ASP B 104 -5.86 23.41 12.18
N THR B 105 -4.64 23.42 11.70
CA THR B 105 -3.41 23.77 12.48
C THR B 105 -3.28 25.29 12.38
N LEU B 106 -2.50 25.92 13.27
CA LEU B 106 -2.35 27.39 13.16
C LEU B 106 -1.79 27.73 11.78
N LEU B 107 -0.67 27.12 11.37
CA LEU B 107 -0.01 27.59 10.13
C LEU B 107 -0.89 27.33 8.90
N GLY B 108 -1.59 26.18 8.83
CA GLY B 108 -2.46 25.95 7.66
C GLY B 108 -3.67 26.89 7.68
N TYR B 109 -4.20 27.20 8.85
CA TYR B 109 -5.30 28.17 8.99
C TYR B 109 -4.84 29.54 8.50
N LEU B 110 -3.63 29.97 8.82
CA LEU B 110 -3.15 31.31 8.40
C LEU B 110 -3.18 31.39 6.87
N ALA B 111 -2.71 30.38 6.15
CA ALA B 111 -2.38 30.46 4.73
C ALA B 111 -3.51 29.96 3.84
N ASP B 112 -4.50 29.27 4.38
CA ASP B 112 -5.55 28.63 3.56
C ASP B 112 -6.09 29.58 2.50
N ASP B 113 -6.06 29.18 1.22
CA ASP B 113 -6.68 29.88 0.07
C ASP B 113 -5.99 31.21 -0.29
N LEU B 114 -4.87 31.57 0.33
CA LEU B 114 -4.22 32.86 0.02
C LEU B 114 -3.11 32.71 -1.00
N THR B 115 -2.71 33.82 -1.57
CA THR B 115 -1.62 33.98 -2.54
C THR B 115 -0.71 35.05 -1.99
N TRP B 116 0.60 34.92 -2.15
CA TRP B 116 1.53 35.99 -1.75
C TRP B 116 2.86 35.85 -2.50
N CYS B 117 3.51 37.00 -2.66
CA CYS B 117 4.91 37.01 -3.16
C CYS B 117 5.47 38.41 -3.01
N GLY B 118 6.79 38.45 -2.89
N GLY B 118 6.77 38.58 -3.31
CA GLY B 118 7.50 39.72 -2.91
CA GLY B 118 7.44 39.89 -3.34
C GLY B 118 8.38 39.80 -4.11
C GLY B 118 7.68 40.47 -4.74
N GLU B 119 9.41 40.65 -4.04
N GLU B 119 7.97 41.76 -4.82
CA GLU B 119 10.32 41.02 -5.14
CA GLU B 119 8.12 42.50 -6.10
C GLU B 119 11.74 41.08 -4.58
C GLU B 119 9.44 42.14 -6.80
N PHE B 120 12.74 40.65 -5.34
N PHE B 120 9.57 42.63 -8.04
CA PHE B 120 14.16 40.83 -4.96
CA PHE B 120 10.76 42.41 -8.94
C PHE B 120 14.37 42.28 -4.54
C PHE B 120 12.04 43.11 -8.46
N ALA B 121 14.98 42.52 -3.36
N ALA B 121 11.95 44.35 -7.95
CA ALA B 121 15.59 43.81 -2.98
CA ALA B 121 13.12 45.20 -7.67
C ALA B 121 14.54 44.92 -2.83
C ALA B 121 12.98 45.97 -6.36
N THR B 122 13.30 44.59 -2.44
N THR B 122 11.94 45.69 -5.57
CA THR B 122 12.29 45.59 -2.00
CA THR B 122 11.70 46.37 -4.26
C THR B 122 11.48 45.01 -0.83
C THR B 122 11.34 45.31 -3.23
N SER B 123 10.97 45.90 0.01
N SER B 123 11.45 45.68 -1.94
CA SER B 123 10.21 45.55 1.25
CA SER B 123 11.08 44.84 -0.77
C SER B 123 8.72 45.44 0.89
C SER B 123 9.59 44.98 -0.45
N LYS B 124 8.43 45.50 -0.43
N LYS B 124 8.72 45.23 -1.44
CA LYS B 124 7.09 45.59 -1.04
CA LYS B 124 7.27 45.42 -1.19
C LYS B 124 6.54 44.20 -1.42
C LYS B 124 6.48 44.19 -1.64
N ILE B 125 5.29 44.00 -1.04
CA ILE B 125 4.47 42.83 -1.45
C ILE B 125 4.04 43.13 -2.89
N ASN B 126 4.03 42.09 -3.72
CA ASN B 126 3.62 42.25 -5.14
C ASN B 126 2.13 41.94 -5.22
N TYR B 127 1.28 42.95 -5.36
CA TYR B 127 -0.17 42.71 -5.54
C TYR B 127 -0.55 42.61 -7.02
N GLN B 128 0.38 42.81 -7.93
CA GLN B 128 0.02 42.80 -9.37
C GLN B 128 0.01 41.36 -9.92
N SER B 129 1.05 40.57 -9.61
CA SER B 129 1.19 39.18 -10.11
C SER B 129 2.11 38.39 -9.19
N CYS B 130 1.94 37.08 -9.16
CA CYS B 130 2.84 36.15 -8.46
C CYS B 130 3.08 34.91 -9.32
N PRO B 131 4.22 34.24 -9.13
CA PRO B 131 4.52 33.09 -9.97
C PRO B 131 3.48 32.00 -9.91
N ASP B 132 3.13 31.50 -11.10
CA ASP B 132 2.35 30.25 -11.25
C ASP B 132 3.26 29.03 -11.19
N TRP B 133 2.87 28.00 -10.45
N TRP B 133 2.87 28.01 -10.42
CA TRP B 133 3.66 26.78 -10.19
CA TRP B 133 3.57 26.72 -10.19
C TRP B 133 4.04 26.10 -11.51
N ARG B 134 3.20 26.14 -12.51
CA ARG B 134 3.42 25.49 -13.82
C ARG B 134 4.03 26.50 -14.77
N LYS B 135 3.40 27.64 -14.96
CA LYS B 135 3.74 28.58 -16.04
C LYS B 135 5.08 29.26 -15.74
N ASP B 136 5.43 29.45 -14.47
CA ASP B 136 6.60 30.30 -14.08
C ASP B 136 7.66 29.53 -13.31
N CYS B 137 7.31 28.84 -12.22
CA CYS B 137 8.31 28.18 -11.37
C CYS B 137 7.70 27.47 -10.19
N SER B 138 8.27 26.32 -9.86
CA SER B 138 7.77 25.55 -8.71
C SER B 138 8.17 26.12 -7.36
N ASN B 139 9.33 26.79 -7.22
CA ASN B 139 9.88 27.18 -5.90
C ASN B 139 9.40 28.60 -5.59
N ASN B 140 8.06 28.76 -5.66
CA ASN B 140 7.46 30.10 -5.38
C ASN B 140 7.04 30.15 -3.92
N PRO B 141 6.77 31.37 -3.38
CA PRO B 141 6.46 31.48 -1.97
C PRO B 141 5.32 30.57 -1.48
N VAL B 142 4.24 30.46 -2.24
CA VAL B 142 3.07 29.70 -1.79
C VAL B 142 3.44 28.21 -1.82
N SER B 143 3.96 27.73 -2.93
CA SER B 143 4.23 26.29 -3.09
C SER B 143 5.26 25.82 -2.04
N VAL B 144 6.29 26.62 -1.82
CA VAL B 144 7.35 26.21 -0.86
C VAL B 144 6.81 26.23 0.56
N PHE B 145 5.96 27.20 0.90
CA PHE B 145 5.29 27.17 2.21
C PHE B 145 4.60 25.82 2.40
N TRP B 146 3.74 25.45 1.46
CA TRP B 146 2.91 24.22 1.66
C TRP B 146 3.80 22.96 1.68
N LYS B 147 4.85 22.94 0.91
CA LYS B 147 5.79 21.77 0.93
C LYS B 147 6.39 21.69 2.33
N THR B 148 6.89 22.81 2.84
CA THR B 148 7.58 22.88 4.14
C THR B 148 6.65 22.41 5.24
N VAL B 149 5.45 22.96 5.33
CA VAL B 149 4.54 22.69 6.48
CA VAL B 149 4.55 22.70 6.46
C VAL B 149 3.96 21.29 6.32
N SER B 150 3.60 20.88 5.11
CA SER B 150 2.93 19.57 4.96
C SER B 150 3.94 18.43 5.19
N ARG B 151 5.22 18.61 4.85
CA ARG B 151 6.24 17.56 5.19
C ARG B 151 6.23 17.33 6.69
N ARG B 152 6.24 18.40 7.48
CA ARG B 152 6.26 18.24 8.96
C ARG B 152 4.97 17.64 9.48
N PHE B 153 3.81 18.01 8.90
CA PHE B 153 2.51 17.46 9.27
C PHE B 153 2.55 15.93 9.05
N ALA B 154 3.03 15.53 7.89
CA ALA B 154 3.01 14.09 7.52
C ALA B 154 3.93 13.34 8.49
N GLU B 155 5.05 13.95 8.79
CA GLU B 155 6.10 13.38 9.70
C GLU B 155 5.54 13.21 11.09
N ALA B 156 4.55 13.99 11.50
CA ALA B 156 3.92 13.93 12.85
C ALA B 156 2.83 12.86 12.91
N ALA B 157 2.23 12.45 11.80
CA ALA B 157 1.04 11.61 11.82
C ALA B 157 1.41 10.24 12.43
N CYS B 158 0.42 9.58 13.01
CA CYS B 158 0.64 8.27 13.68
C CYS B 158 -0.64 7.43 13.63
N ASP B 159 -0.51 6.12 13.95
CA ASP B 159 -1.69 5.22 14.12
C ASP B 159 -2.38 5.07 12.77
N VAL B 160 -3.69 5.24 12.67
CA VAL B 160 -4.42 5.18 11.39
C VAL B 160 -4.49 6.61 10.88
N VAL B 161 -3.89 6.83 9.73
CA VAL B 161 -3.98 8.15 9.04
C VAL B 161 -4.98 7.96 7.92
N HIS B 162 -5.91 8.87 7.73
CA HIS B 162 -6.91 8.76 6.65
C HIS B 162 -6.53 9.73 5.54
N VAL B 163 -6.85 9.41 4.29
CA VAL B 163 -6.67 10.39 3.18
C VAL B 163 -7.92 10.37 2.32
N MET B 164 -8.48 11.54 2.02
N MET B 164 -8.47 11.54 2.04
CA MET B 164 -9.62 11.60 1.07
CA MET B 164 -9.57 11.65 1.07
C MET B 164 -9.07 11.88 -0.34
C MET B 164 -8.98 11.82 -0.33
N LEU B 165 -9.57 11.13 -1.32
CA LEU B 165 -9.19 11.20 -2.74
C LEU B 165 -10.40 11.44 -3.60
N ASP B 166 -10.22 12.11 -4.73
CA ASP B 166 -11.30 12.40 -5.67
C ASP B 166 -11.41 11.26 -6.67
N GLY B 167 -12.42 10.42 -6.55
CA GLY B 167 -12.61 9.29 -7.48
C GLY B 167 -13.04 9.71 -8.89
N SER B 168 -13.34 11.00 -9.16
CA SER B 168 -13.73 11.48 -10.51
C SER B 168 -12.50 11.85 -11.36
N ARG B 169 -11.31 11.98 -10.76
CA ARG B 169 -10.12 12.41 -11.51
C ARG B 169 -9.60 11.25 -12.31
N SER B 170 -8.87 11.54 -13.38
CA SER B 170 -8.27 10.48 -14.23
C SER B 170 -7.22 9.73 -13.42
N LYS B 171 -6.48 10.41 -12.55
CA LYS B 171 -5.58 9.78 -11.56
C LYS B 171 -6.12 10.02 -10.15
N ILE B 172 -6.88 9.09 -9.62
CA ILE B 172 -7.50 9.20 -8.28
C ILE B 172 -6.36 9.45 -7.29
N PHE B 173 -5.27 8.69 -7.40
CA PHE B 173 -4.00 9.00 -6.74
C PHE B 173 -3.00 9.37 -7.82
N ASP B 174 -2.48 10.58 -7.77
CA ASP B 174 -1.48 11.09 -8.72
C ASP B 174 -0.14 11.12 -8.01
N LYS B 175 0.78 10.20 -8.38
CA LYS B 175 2.06 10.08 -7.68
C LYS B 175 2.88 11.37 -7.76
N ASP B 176 2.57 12.27 -8.69
CA ASP B 176 3.31 13.54 -8.89
C ASP B 176 2.53 14.69 -8.24
N SER B 177 1.37 14.43 -7.65
CA SER B 177 0.66 15.46 -6.81
C SER B 177 1.54 15.79 -5.61
N THR B 178 1.29 16.93 -4.95
CA THR B 178 1.96 17.23 -3.66
C THR B 178 1.67 16.12 -2.63
N PHE B 179 0.47 15.59 -2.58
CA PHE B 179 0.12 14.49 -1.64
C PHE B 179 1.08 13.32 -1.94
N GLY B 180 1.20 12.99 -3.23
CA GLY B 180 2.07 11.86 -3.66
C GLY B 180 3.53 12.10 -3.35
N SER B 181 4.05 13.27 -3.68
CA SER B 181 5.49 13.52 -3.73
C SER B 181 6.00 14.00 -2.38
N VAL B 182 5.19 14.67 -1.55
CA VAL B 182 5.62 15.23 -0.26
C VAL B 182 4.99 14.46 0.89
N GLU B 183 3.68 14.29 0.91
CA GLU B 183 3.03 13.77 2.13
C GLU B 183 3.28 12.24 2.24
N VAL B 184 2.96 11.48 1.22
CA VAL B 184 3.10 10.00 1.34
C VAL B 184 4.51 9.62 1.72
N HIS B 185 5.53 10.23 1.12
CA HIS B 185 6.93 9.82 1.35
C HIS B 185 7.45 10.28 2.70
N ASN B 186 6.66 10.98 3.50
CA ASN B 186 7.07 11.45 4.85
C ASN B 186 6.27 10.79 5.94
N LEU B 187 5.38 9.84 5.62
CA LEU B 187 4.72 9.05 6.69
C LEU B 187 5.78 8.13 7.29
N GLN B 188 5.88 8.11 8.61
CA GLN B 188 6.99 7.39 9.30
C GLN B 188 6.52 5.97 9.67
N PRO B 189 7.26 4.93 9.21
CA PRO B 189 6.91 3.56 9.52
C PRO B 189 6.81 3.28 11.03
N GLU B 190 7.68 3.89 11.83
CA GLU B 190 7.64 3.60 13.28
C GLU B 190 6.37 4.20 13.91
N LYS B 191 5.70 5.19 13.30
CA LYS B 191 4.57 5.85 13.96
C LYS B 191 3.26 5.43 13.33
N VAL B 192 3.25 5.27 12.00
CA VAL B 192 1.98 5.03 11.25
C VAL B 192 1.76 3.50 11.16
N GLN B 193 0.56 3.08 11.57
CA GLN B 193 0.07 1.70 11.39
C GLN B 193 -0.51 1.54 9.99
N THR B 194 -1.43 2.41 9.58
CA THR B 194 -2.26 2.23 8.39
C THR B 194 -2.52 3.57 7.73
N LEU B 195 -2.41 3.62 6.41
CA LEU B 195 -3.03 4.70 5.61
C LEU B 195 -4.33 4.18 5.03
N GLU B 196 -5.44 4.76 5.43
CA GLU B 196 -6.78 4.39 4.90
C GLU B 196 -7.24 5.48 3.94
N ALA B 197 -7.44 5.12 2.68
CA ALA B 197 -7.97 6.03 1.66
C ALA B 197 -9.50 5.95 1.66
N TRP B 198 -10.15 7.09 1.53
CA TRP B 198 -11.59 7.23 1.22
C TRP B 198 -11.69 7.79 -0.18
N VAL B 199 -12.17 6.99 -1.14
CA VAL B 199 -12.28 7.39 -2.55
C VAL B 199 -13.69 7.93 -2.74
N ILE B 200 -13.80 9.22 -2.96
CA ILE B 200 -15.13 9.87 -3.12
C ILE B 200 -15.60 9.70 -4.56
N HIS B 201 -16.74 9.01 -4.73
CA HIS B 201 -17.38 8.87 -6.06
C HIS B 201 -17.97 10.22 -6.52
N GLY B 202 -17.84 10.50 -7.81
CA GLY B 202 -18.41 11.71 -8.44
C GLY B 202 -19.91 11.56 -8.67
N GLY B 203 -20.53 12.59 -9.23
CA GLY B 203 -21.98 12.64 -9.55
C GLY B 203 -22.44 11.45 -10.39
N ARG B 204 -21.89 11.28 -11.60
CA ARG B 204 -22.30 10.22 -12.57
C ARG B 204 -22.05 8.84 -11.96
N GLU B 205 -23.13 8.16 -11.52
CA GLU B 205 -23.09 6.92 -10.69
C GLU B 205 -22.53 5.73 -11.50
N ASP B 206 -21.20 5.66 -11.65
CA ASP B 206 -20.46 4.53 -12.28
C ASP B 206 -20.63 3.28 -11.41
N SER B 207 -20.52 3.45 -10.09
CA SER B 207 -20.69 2.39 -9.06
C SER B 207 -19.61 1.31 -9.17
N ARG B 208 -18.53 1.54 -9.95
CA ARG B 208 -17.34 0.66 -9.96
C ARG B 208 -16.70 0.66 -8.56
N ASP B 209 -15.96 -0.39 -8.25
CA ASP B 209 -15.07 -0.44 -7.05
C ASP B 209 -13.77 0.29 -7.40
N LEU B 210 -13.71 1.58 -7.01
CA LEU B 210 -12.57 2.43 -7.42
C LEU B 210 -11.32 2.09 -6.61
N CYS B 211 -11.45 1.30 -5.54
CA CYS B 211 -10.30 0.78 -4.75
C CYS B 211 -9.49 -0.24 -5.58
N GLN B 212 -10.01 -0.65 -6.73
CA GLN B 212 -9.28 -1.50 -7.71
C GLN B 212 -8.61 -0.66 -8.77
N ASP B 213 -8.74 0.68 -8.76
CA ASP B 213 -8.10 1.51 -9.79
C ASP B 213 -6.59 1.27 -9.72
N PRO B 214 -5.90 1.25 -10.88
CA PRO B 214 -4.45 1.08 -10.93
C PRO B 214 -3.72 2.11 -10.05
N THR B 215 -4.23 3.36 -9.98
CA THR B 215 -3.49 4.35 -9.17
C THR B 215 -3.68 4.06 -7.70
N ILE B 216 -4.75 3.42 -7.27
CA ILE B 216 -4.91 3.03 -5.85
C ILE B 216 -3.91 1.88 -5.57
N LYS B 217 -3.79 0.97 -6.50
CA LYS B 217 -2.79 -0.11 -6.37
C LYS B 217 -1.39 0.46 -6.35
N GLU B 218 -1.12 1.54 -7.05
CA GLU B 218 0.19 2.20 -7.03
C GLU B 218 0.41 2.78 -5.62
N LEU B 219 -0.57 3.49 -5.08
CA LEU B 219 -0.45 4.04 -3.71
C LEU B 219 -0.16 2.90 -2.71
N GLU B 220 -0.86 1.78 -2.85
CA GLU B 220 -0.64 0.60 -1.97
C GLU B 220 0.82 0.14 -2.09
N SER B 221 1.38 0.03 -3.30
CA SER B 221 2.81 -0.39 -3.48
CA SER B 221 2.81 -0.41 -3.46
C SER B 221 3.74 0.56 -2.73
N ILE B 222 3.54 1.87 -2.95
CA ILE B 222 4.42 2.89 -2.29
C ILE B 222 4.34 2.72 -0.78
N ILE B 223 3.14 2.64 -0.24
CA ILE B 223 2.93 2.50 1.22
C ILE B 223 3.55 1.18 1.72
N SER B 224 3.42 0.11 0.94
CA SER B 224 3.93 -1.23 1.35
C SER B 224 5.43 -1.18 1.61
N LYS B 225 6.18 -0.40 0.79
CA LYS B 225 7.65 -0.26 0.93
C LYS B 225 8.01 0.74 2.02
N ARG B 226 7.04 1.41 2.66
CA ARG B 226 7.29 2.17 3.89
C ARG B 226 6.91 1.34 5.12
N ASN B 227 6.63 0.04 4.93
CA ASN B 227 6.23 -0.83 6.08
C ASN B 227 5.01 -0.27 6.81
N ILE B 228 4.03 0.19 6.04
CA ILE B 228 2.72 0.66 6.55
C ILE B 228 1.66 -0.20 5.89
N GLN B 229 0.55 -0.41 6.56
CA GLN B 229 -0.60 -1.09 5.95
C GLN B 229 -1.40 -0.14 5.10
N PHE B 230 -2.03 -0.60 4.05
CA PHE B 230 -2.92 0.25 3.26
C PHE B 230 -4.33 -0.31 3.26
N SER B 231 -5.32 0.55 3.39
CA SER B 231 -6.76 0.18 3.36
C SER B 231 -7.47 1.17 2.45
N CYS B 232 -8.51 0.76 1.75
CA CYS B 232 -9.27 1.63 0.81
C CYS B 232 -10.76 1.38 0.98
N LYS B 233 -11.56 2.45 1.05
CA LYS B 233 -13.04 2.39 1.16
C LYS B 233 -13.62 3.27 0.05
N ASN B 234 -14.67 2.79 -0.60
CA ASN B 234 -15.50 3.59 -1.56
C ASN B 234 -16.46 4.45 -0.75
N ILE B 235 -16.54 5.76 -1.00
CA ILE B 235 -17.68 6.59 -0.52
C ILE B 235 -18.55 6.87 -1.74
N TYR B 236 -19.60 6.07 -1.92
CA TYR B 236 -20.42 6.05 -3.17
C TYR B 236 -21.30 7.30 -3.23
N ARG B 237 -21.70 7.82 -2.07
CA ARG B 237 -22.71 8.90 -1.92
C ARG B 237 -22.20 9.86 -0.86
N PRO B 238 -21.36 10.85 -1.25
CA PRO B 238 -20.70 11.74 -0.28
C PRO B 238 -21.71 12.63 0.45
N ASP B 239 -22.69 13.13 -0.31
CA ASP B 239 -23.96 13.74 0.18
C ASP B 239 -24.44 12.98 1.44
N LYS B 240 -24.78 11.70 1.25
CA LYS B 240 -25.35 10.82 2.29
C LYS B 240 -24.29 10.60 3.38
N PHE B 241 -23.01 10.46 2.97
CA PHE B 241 -21.86 10.26 3.87
C PHE B 241 -21.81 11.36 4.92
N LEU B 242 -21.89 12.64 4.53
CA LEU B 242 -21.85 13.78 5.49
C LEU B 242 -23.06 13.69 6.45
N GLN B 243 -24.23 13.32 5.92
CA GLN B 243 -25.48 13.24 6.73
C GLN B 243 -25.30 12.20 7.84
N CYS B 244 -24.82 11.00 7.49
CA CYS B 244 -24.67 9.83 8.39
C CYS B 244 -23.56 10.07 9.41
N VAL B 245 -22.61 10.95 9.13
CA VAL B 245 -21.55 11.35 10.10
C VAL B 245 -22.17 12.32 11.11
N LYS B 246 -23.03 13.24 10.65
CA LYS B 246 -23.75 14.23 11.50
C LYS B 246 -24.64 13.46 12.49
N ASN B 247 -25.46 12.55 11.96
CA ASN B 247 -26.55 11.85 12.69
C ASN B 247 -26.42 10.35 12.43
N PRO B 248 -25.52 9.62 13.13
CA PRO B 248 -25.33 8.19 12.91
C PRO B 248 -26.43 7.35 13.57
N GLU B 249 -27.66 7.47 13.04
CA GLU B 249 -28.91 6.85 13.58
C GLU B 249 -29.78 6.33 12.42
N ASP B 250 -30.01 7.16 11.38
CA ASP B 250 -30.87 6.86 10.20
C ASP B 250 -30.54 5.47 9.64
N SER B 251 -31.56 4.62 9.44
CA SER B 251 -31.48 3.27 8.82
C SER B 251 -31.19 3.38 7.32
N SER B 252 -31.38 4.59 6.74
CA SER B 252 -30.97 4.98 5.37
C SER B 252 -29.45 4.79 5.18
N CYS B 253 -28.68 4.88 6.27
CA CYS B 253 -27.21 4.64 6.35
C CYS B 253 -26.93 3.25 6.94
C2 ROJ C . 0.31 -20.29 -5.00
C4 ROJ C . 2.01 -21.58 -6.02
C5 ROJ C . 1.94 -23.07 -6.23
C6 ROJ C . -0.36 -27.25 -6.23
O6 ROJ C . 1.33 -25.51 -7.96
C8 ROJ C . -2.37 -25.93 -3.57
N1 ROJ C . -1.57 -25.18 -2.60
N3 ROJ C . 0.66 -23.75 1.25
O1 ROJ C . 2.44 -20.55 -3.90
C1 ROJ C . 1.49 -21.19 -4.71
CL1 ROJ C . -1.22 -21.23 -5.11
C3 ROJ C . 0.57 -19.80 -6.41
O2 ROJ C . 1.29 -20.86 -7.07
O3 ROJ C . 2.34 -23.34 -7.57
P1 ROJ C . 2.78 -24.81 -7.95
O4 ROJ C . 3.33 -24.70 -9.33
O5 ROJ C . 3.59 -25.40 -6.88
P2 ROJ C . 0.84 -26.96 -8.45
O7 ROJ C . 1.79 -28.01 -8.03
O8 ROJ C . 0.43 -26.88 -9.89
O9 ROJ C . -0.53 -27.06 -7.64
C7 ROJ C . -1.70 -26.86 -5.61
O10 ROJ C . -1.51 -26.88 -4.17
C9 ROJ C . -0.83 -23.97 -2.82
N2 ROJ C . -0.19 -23.59 -1.75
C10 ROJ C . -0.53 -24.53 -0.76
C11 ROJ C . -0.16 -24.65 0.57
N4 ROJ C . -0.66 -25.71 1.26
C12 ROJ C . -1.44 -26.65 0.65
N5 ROJ C . -1.88 -26.59 -0.64
C13 ROJ C . -1.36 -25.53 -1.30
C14 ROJ C . -3.02 -25.12 -4.65
O11 ROJ C . -4.37 -25.52 -4.83
C15 ROJ C . -2.25 -25.45 -5.86
O12 ROJ C . -3.04 -25.33 -7.03
K K D . 8.46 -3.88 -16.25
P PO4 E . 8.71 -35.70 -12.67
O1 PO4 E . 7.32 -36.00 -13.10
O2 PO4 E . 8.92 -34.19 -12.63
O3 PO4 E . 9.72 -36.35 -13.63
O4 PO4 E . 8.96 -36.31 -11.33
C1 PEG F . -17.05 -24.62 13.67
O1 PEG F . -17.27 -25.48 12.56
C2 PEG F . -18.25 -23.80 14.01
O2 PEG F . -17.90 -22.44 14.19
C3 PEG F . -18.26 -21.94 15.48
C4 PEG F . -17.83 -20.52 15.60
O4 PEG F . -18.56 -19.67 14.73
C1 MPD G . -2.15 -11.99 -0.93
C2 MPD G . -2.85 -11.37 0.26
O2 MPD G . -2.13 -10.18 0.65
CM MPD G . -2.82 -12.32 1.47
C3 MPD G . -4.29 -10.97 -0.12
C4 MPD G . -5.08 -10.24 0.93
O4 MPD G . -4.60 -8.89 1.03
C5 MPD G . -6.57 -10.25 0.70
C1 PGE H . 9.75 -15.06 8.93
O1 PGE H . 8.87 -15.58 9.90
C2 PGE H . 9.04 -14.63 7.71
O2 PGE H . 8.04 -13.68 8.06
C3 PGE H . 7.62 -12.91 6.93
C4 PGE H . 8.26 -11.58 6.99
O4 PGE H . 7.77 -9.20 10.50
C6 PGE H . 7.47 -8.72 9.19
C5 PGE H . 8.21 -9.50 8.14
O3 PGE H . 7.66 -10.81 8.03
C1 PEG I . -1.94 -32.39 8.11
O1 PEG I . -1.81 -31.04 7.62
C2 PEG I . -3.10 -32.57 9.05
O2 PEG I . -3.83 -33.75 8.72
C3 PEG I . -4.69 -34.17 9.78
C4 PEG I . -5.58 -35.27 9.33
O4 PEG I . -6.96 -35.03 9.62
C2 ROJ J . -0.59 19.51 1.69
C4 ROJ J . -1.90 18.25 0.13
C5 ROJ J . -2.22 18.74 -1.24
C6 ROJ J . -1.94 21.75 -4.97
O6 ROJ J . -1.70 18.87 -4.30
C8 ROJ J . -1.19 24.30 -2.55
N1 ROJ J . -1.99 24.14 -1.36
N3 ROJ J . -5.12 25.02 2.04
O1 ROJ J . -2.85 19.12 2.24
C1 ROJ J . -1.98 19.36 1.18
CL1 ROJ J . 0.34 20.70 0.73
C3 ROJ J . 0.10 18.18 1.39
O2 ROJ J . -0.56 17.77 0.18
O3 ROJ J . -1.99 17.71 -2.13
P1 ROJ J . -2.66 17.75 -3.55
O4 ROJ J . -2.35 16.39 -4.10
O5 ROJ J . -4.06 18.20 -3.50
P2 ROJ J . -1.63 19.35 -5.84
O7 ROJ J . -3.00 19.46 -6.40
O8 ROJ J . -0.57 18.56 -6.49
O9 ROJ J . -1.04 20.81 -5.57
C7 ROJ J . -1.07 22.81 -4.32
O10 ROJ J . -1.92 23.75 -3.63
C9 ROJ J . -2.03 23.13 -0.43
N2 ROJ J . -2.94 23.34 0.56
C10 ROJ J . -3.48 24.59 0.28
C11 ROJ J . -4.48 25.36 0.92
N4 ROJ J . -4.82 26.61 0.28
C12 ROJ J . -4.20 26.95 -0.89
N5 ROJ J . -3.23 26.25 -1.57
C13 ROJ J . -2.94 25.08 -0.97
C14 ROJ J . 0.17 23.63 -2.49
O11 ROJ J . 1.17 24.44 -2.96
C15 ROJ J . -0.03 22.39 -3.36
O12 ROJ J . 1.20 21.95 -3.90
K K K . 4.24 0.63 10.51
P PO4 L . -8.73 14.91 -15.08
O1 PO4 L . -9.26 13.85 -16.10
O2 PO4 L . -9.83 15.94 -14.89
O3 PO4 L . -8.44 14.29 -13.75
O4 PO4 L . -7.50 15.52 -15.66
C1 MPD M . 1.65 21.77 11.12
C2 MPD M . 2.66 21.42 12.19
O2 MPD M . 3.10 20.06 11.93
CM MPD M . 2.01 21.40 13.57
C3 MPD M . 3.91 22.31 12.10
C4 MPD M . 4.55 22.83 13.38
O4 MPD M . 4.77 21.80 14.35
C5 MPD M . 5.86 23.48 13.12
C1 MPD N . -5.24 20.78 16.00
C2 MPD N . -6.46 20.44 16.84
O2 MPD N . -7.25 21.64 16.95
CM MPD N . -6.07 20.04 18.26
C3 MPD N . -7.30 19.37 16.14
C4 MPD N . -8.62 19.01 16.82
O4 MPD N . -9.68 19.13 15.87
C5 MPD N . -8.67 17.63 17.41
C1 PEG O . -1.39 37.82 -13.95
O1 PEG O . -0.22 38.34 -14.59
C2 PEG O . -1.68 38.50 -12.64
O2 PEG O . -2.51 39.66 -12.83
C3 PEG O . -1.88 40.73 -13.51
C4 PEG O . -2.48 40.91 -14.87
O4 PEG O . -3.87 41.11 -14.82
C1 PEG P . 4.27 45.07 6.17
O1 PEG P . 3.26 44.37 5.48
C2 PEG P . 4.01 45.20 7.64
O2 PEG P . 5.23 45.08 8.36
C3 PEG P . 5.09 44.67 9.72
C4 PEG P . 4.37 45.71 10.51
O4 PEG P . 3.09 45.28 10.93
C1 PEG Q . -10.37 36.03 -4.64
O1 PEG Q . -9.75 36.75 -5.69
C2 PEG Q . -10.05 36.61 -3.30
O2 PEG Q . -8.64 36.63 -3.08
C3 PEG Q . -7.95 37.57 -3.90
C4 PEG Q . -8.18 38.97 -3.43
O4 PEG Q . -7.16 39.85 -3.88
#